data_5OV8
#
_entry.id   5OV8
#
_cell.length_a   48.195
_cell.length_b   56.538
_cell.length_c   48.595
_cell.angle_alpha   90.00
_cell.angle_beta   102.41
_cell.angle_gamma   90.00
#
_symmetry.space_group_name_H-M   'P 1 21 1'
#
loop_
_entity.id
_entity.type
_entity.pdbx_description
1 polymer Peregrin
2 non-polymer ~{N}-[1,4-dimethyl-2,3-bis(oxidanylidene)-7-pyrrolidin-1-yl-quinoxalin-6-yl]-4-(2-methylpropyl)benzenesulfonamide
3 non-polymer 'NITRATE ION'
4 water water
#
_entity_poly.entity_id   1
_entity_poly.type   'polypeptide(L)'
_entity_poly.pdbx_seq_one_letter_code
;SMEMQLTPFLILLRKTLEQLQEKDTGNIFSEPVPLSEVPDYLDHIKKPMDFFTMKQNLEAYRYLNFDDFEEDFNLIVSNC
LKYNAKDTIFYRAAVRLREQGGAVLRQARRQAEKMG
;
_entity_poly.pdbx_strand_id   A,B
#
loop_
_chem_comp.id
_chem_comp.type
_chem_comp.name
_chem_comp.formula
AXN non-polymer ~{N}-[1,4-dimethyl-2,3-bis(oxidanylidene)-7-pyrrolidin-1-yl-quinoxalin-6-yl]-4-(2-methylpropyl)benzenesulfonamide 'C24 H30 N4 O4 S'
NO3 non-polymer 'NITRATE ION' 'N O3 -1'
#
# COMPACT_ATOMS: atom_id res chain seq x y z
N GLN A 5 24.16 15.58 -10.29
CA GLN A 5 24.41 14.51 -9.32
C GLN A 5 23.51 14.63 -8.09
N LEU A 6 24.00 15.32 -7.06
CA LEU A 6 23.22 15.54 -5.84
C LEU A 6 22.05 16.46 -6.12
N THR A 7 20.83 15.95 -5.92
CA THR A 7 19.68 16.83 -5.94
C THR A 7 18.95 16.69 -4.62
N PRO A 8 18.22 17.73 -4.19
CA PRO A 8 17.44 17.59 -2.94
C PRO A 8 16.51 16.40 -2.97
N PHE A 9 15.91 16.12 -4.13
CA PHE A 9 15.01 14.98 -4.24
C PHE A 9 15.75 13.66 -4.05
N LEU A 10 16.91 13.51 -4.67
CA LEU A 10 17.67 12.27 -4.52
C LEU A 10 18.22 12.13 -3.10
N ILE A 11 18.55 13.24 -2.46
CA ILE A 11 18.95 13.20 -1.05
C ILE A 11 17.78 12.76 -0.19
N LEU A 12 16.58 13.25 -0.50
CA LEU A 12 15.38 12.87 0.23
C LEU A 12 15.09 11.37 0.06
N LEU A 13 15.28 10.86 -1.16
CA LEU A 13 15.08 9.43 -1.40
C LEU A 13 16.13 8.60 -0.68
N ARG A 14 17.37 9.09 -0.59
CA ARG A 14 18.36 8.37 0.20
C ARG A 14 17.96 8.33 1.67
N LYS A 15 17.52 9.45 2.22
CA LYS A 15 17.13 9.48 3.63
C LYS A 15 15.96 8.55 3.87
N THR A 16 14.99 8.58 2.95
CA THR A 16 13.80 7.77 3.09
C THR A 16 14.12 6.29 3.00
N LEU A 17 15.00 5.90 2.08
CA LEU A 17 15.40 4.49 1.96
C LEU A 17 16.08 4.02 3.25
N GLU A 18 16.99 4.84 3.79
CA GLU A 18 17.58 4.55 5.10
C GLU A 18 16.50 4.32 6.15
N GLN A 19 15.50 5.20 6.18
CA GLN A 19 14.45 5.08 7.18
C GLN A 19 13.68 3.77 7.02
N LEU A 20 13.45 3.32 5.78
CA LEU A 20 12.71 2.08 5.58
C LEU A 20 13.53 0.86 5.99
N GLN A 21 14.83 0.87 5.68
CA GLN A 21 15.71 -0.22 6.10
C GLN A 21 15.77 -0.32 7.62
N GLU A 22 15.71 0.82 8.32
CA GLU A 22 15.69 0.83 9.77
C GLU A 22 14.52 0.03 10.34
N LYS A 23 13.37 0.03 9.65
CA LYS A 23 12.20 -0.69 10.12
C LYS A 23 12.32 -2.20 9.88
N ASP A 24 13.16 -2.61 8.94
CA ASP A 24 13.42 -4.03 8.69
C ASP A 24 14.56 -4.47 9.62
N THR A 25 14.23 -4.57 10.91
CA THR A 25 15.25 -4.79 11.93
C THR A 25 15.97 -6.11 11.72
N GLY A 26 15.30 -7.08 11.12
CA GLY A 26 15.93 -8.35 10.82
C GLY A 26 16.76 -8.37 9.56
N ASN A 27 16.72 -7.28 8.79
CA ASN A 27 17.47 -7.15 7.52
C ASN A 27 17.02 -8.20 6.51
N ILE A 28 15.80 -8.71 6.65
CA ILE A 28 15.36 -9.80 5.78
C ILE A 28 14.99 -9.31 4.39
N PHE A 29 14.81 -8.00 4.22
CA PHE A 29 14.55 -7.40 2.92
C PHE A 29 15.74 -6.60 2.41
N SER A 30 16.91 -6.76 3.03
N SER A 30 16.91 -6.75 3.04
CA SER A 30 18.04 -5.91 2.67
CA SER A 30 18.06 -5.94 2.69
C SER A 30 18.66 -6.30 1.34
C SER A 30 18.61 -6.29 1.31
N GLU A 31 18.55 -7.56 0.93
CA GLU A 31 19.16 -8.08 -0.29
C GLU A 31 18.14 -8.88 -1.07
N PRO A 32 18.41 -9.16 -2.34
CA PRO A 32 17.48 -10.02 -3.11
C PRO A 32 17.27 -11.36 -2.42
N VAL A 33 16.03 -11.85 -2.49
CA VAL A 33 15.71 -13.20 -2.06
C VAL A 33 16.68 -14.13 -2.78
N PRO A 34 17.37 -15.03 -2.07
CA PRO A 34 18.43 -15.83 -2.71
C PRO A 34 17.85 -16.90 -3.63
N LEU A 35 17.98 -16.66 -4.93
CA LEU A 35 17.35 -17.53 -5.92
C LEU A 35 17.85 -18.97 -5.81
N SER A 36 19.09 -19.16 -5.33
CA SER A 36 19.59 -20.51 -5.13
C SER A 36 18.82 -21.23 -4.04
N GLU A 37 18.43 -20.51 -2.98
CA GLU A 37 17.74 -21.15 -1.86
C GLU A 37 16.28 -21.44 -2.19
N VAL A 38 15.66 -20.65 -3.06
CA VAL A 38 14.28 -20.86 -3.48
C VAL A 38 14.19 -20.80 -5.00
N PRO A 39 14.53 -21.89 -5.71
CA PRO A 39 14.60 -21.81 -7.18
C PRO A 39 13.24 -21.64 -7.86
N ASP A 40 12.14 -21.79 -7.14
CA ASP A 40 10.81 -21.59 -7.73
C ASP A 40 10.34 -20.15 -7.61
N TYR A 41 11.14 -19.27 -7.01
CA TYR A 41 10.69 -17.91 -6.72
C TYR A 41 10.25 -17.18 -7.99
N LEU A 42 11.02 -17.29 -9.06
CA LEU A 42 10.71 -16.52 -10.26
C LEU A 42 9.52 -17.08 -11.02
N ASP A 43 9.03 -18.28 -10.66
CA ASP A 43 7.79 -18.79 -11.20
C ASP A 43 6.57 -18.08 -10.63
N HIS A 44 6.69 -17.50 -9.44
CA HIS A 44 5.60 -16.74 -8.83
C HIS A 44 5.80 -15.23 -8.91
N ILE A 45 7.04 -14.75 -8.86
CA ILE A 45 7.33 -13.33 -8.68
C ILE A 45 7.97 -12.81 -9.97
N LYS A 46 7.26 -11.92 -10.67
CA LYS A 46 7.77 -11.42 -11.93
C LYS A 46 8.88 -10.39 -11.73
N LYS A 47 8.81 -9.56 -10.68
CA LYS A 47 9.81 -8.52 -10.44
C LYS A 47 10.22 -8.53 -8.97
N PRO A 48 11.24 -9.34 -8.61
CA PRO A 48 11.77 -9.26 -7.25
C PRO A 48 12.25 -7.86 -6.94
N MET A 49 12.15 -7.49 -5.66
CA MET A 49 12.67 -6.21 -5.19
C MET A 49 13.24 -6.38 -3.79
N ASP A 50 14.14 -5.48 -3.43
CA ASP A 50 14.76 -5.47 -2.11
C ASP A 50 15.45 -4.12 -1.95
N PHE A 51 15.91 -3.86 -0.72
CA PHE A 51 16.44 -2.54 -0.40
C PHE A 51 17.76 -2.27 -1.09
N PHE A 52 18.59 -3.29 -1.28
CA PHE A 52 19.84 -3.08 -2.01
C PHE A 52 19.56 -2.74 -3.47
N THR A 53 18.65 -3.50 -4.10
CA THR A 53 18.26 -3.21 -5.47
C THR A 53 17.63 -1.81 -5.58
N MET A 54 16.87 -1.40 -4.58
CA MET A 54 16.33 -0.04 -4.55
C MET A 54 17.45 0.99 -4.51
N LYS A 55 18.50 0.72 -3.72
CA LYS A 55 19.62 1.65 -3.69
C LYS A 55 20.30 1.70 -5.05
N GLN A 56 20.47 0.54 -5.69
CA GLN A 56 21.04 0.51 -7.02
C GLN A 56 20.20 1.33 -8.01
N ASN A 57 18.87 1.20 -7.94
CA ASN A 57 18.03 1.96 -8.85
C ASN A 57 18.09 3.45 -8.53
N LEU A 58 18.15 3.80 -7.24
CA LEU A 58 18.22 5.21 -6.84
C LEU A 58 19.47 5.88 -7.39
N GLU A 59 20.64 5.25 -7.17
CA GLU A 59 21.90 5.86 -7.60
C GLU A 59 22.05 5.85 -9.11
N ALA A 60 21.29 4.99 -9.81
CA ALA A 60 21.29 4.97 -11.26
C ALA A 60 20.20 5.86 -11.86
N TYR A 61 19.62 6.75 -11.05
CA TYR A 61 18.64 7.73 -11.50
C TYR A 61 17.40 7.09 -12.09
N ARG A 62 16.99 5.93 -11.57
CA ARG A 62 15.78 5.32 -12.07
C ARG A 62 14.52 5.79 -11.35
N TYR A 63 14.64 6.52 -10.23
CA TYR A 63 13.50 7.16 -9.60
C TYR A 63 13.55 8.65 -9.86
N LEU A 64 12.63 9.15 -10.68
CA LEU A 64 12.52 10.58 -10.95
C LEU A 64 11.34 11.23 -10.24
N ASN A 65 10.44 10.45 -9.65
CA ASN A 65 9.41 11.01 -8.78
C ASN A 65 9.15 10.01 -7.65
N PHE A 66 8.52 10.53 -6.59
CA PHE A 66 8.32 9.74 -5.39
C PHE A 66 7.49 8.49 -5.67
N ASP A 67 6.53 8.59 -6.60
CA ASP A 67 5.67 7.47 -6.97
C ASP A 67 6.46 6.22 -7.35
N ASP A 68 7.49 6.40 -8.19
CA ASP A 68 8.24 5.26 -8.70
C ASP A 68 9.05 4.61 -7.59
N PHE A 69 9.59 5.41 -6.68
CA PHE A 69 10.25 4.89 -5.49
C PHE A 69 9.27 4.09 -4.64
N GLU A 70 8.09 4.64 -4.42
CA GLU A 70 7.13 3.97 -3.55
C GLU A 70 6.65 2.67 -4.19
N GLU A 71 6.51 2.67 -5.51
CA GLU A 71 6.09 1.47 -6.23
C GLU A 71 7.08 0.33 -6.01
N ASP A 72 8.38 0.62 -5.96
CA ASP A 72 9.34 -0.44 -5.71
C ASP A 72 9.30 -0.90 -4.26
N PHE A 73 9.09 0.02 -3.32
CA PHE A 73 8.90 -0.42 -1.94
C PHE A 73 7.70 -1.35 -1.82
N ASN A 74 6.60 -0.98 -2.47
CA ASN A 74 5.39 -1.81 -2.40
C ASN A 74 5.64 -3.22 -2.93
N LEU A 75 6.51 -3.37 -3.92
CA LEU A 75 6.85 -4.70 -4.43
C LEU A 75 7.57 -5.54 -3.39
N ILE A 76 8.47 -4.92 -2.60
CA ILE A 76 9.13 -5.68 -1.54
C ILE A 76 8.08 -6.35 -0.67
N VAL A 77 7.01 -5.62 -0.36
CA VAL A 77 5.97 -6.14 0.53
C VAL A 77 5.09 -7.14 -0.21
N SER A 78 4.56 -6.73 -1.36
CA SER A 78 3.57 -7.57 -2.05
C SER A 78 4.21 -8.84 -2.59
N ASN A 79 5.48 -8.79 -3.02
CA ASN A 79 6.16 -10.02 -3.40
C ASN A 79 6.18 -10.99 -2.23
N CYS A 80 6.54 -10.47 -1.05
CA CYS A 80 6.68 -11.32 0.13
C CYS A 80 5.34 -11.92 0.54
N LEU A 81 4.29 -11.09 0.59
CA LEU A 81 2.95 -11.61 0.91
C LEU A 81 2.48 -12.63 -0.12
N LYS A 82 2.75 -12.38 -1.40
CA LYS A 82 2.32 -13.31 -2.44
C LYS A 82 3.02 -14.66 -2.34
N TYR A 83 4.33 -14.66 -2.10
CA TYR A 83 5.10 -15.90 -2.19
C TYR A 83 4.93 -16.77 -0.97
N ASN A 84 4.80 -16.17 0.22
CA ASN A 84 4.87 -16.90 1.47
C ASN A 84 3.49 -17.19 2.03
N ALA A 85 3.34 -18.37 2.64
CA ALA A 85 2.13 -18.68 3.39
C ALA A 85 1.94 -17.65 4.50
N LYS A 86 0.69 -17.51 4.93
CA LYS A 86 0.36 -16.46 5.89
C LYS A 86 1.01 -16.71 7.23
N ASP A 87 1.12 -17.97 7.65
CA ASP A 87 1.66 -18.31 8.96
C ASP A 87 3.17 -18.51 8.89
N THR A 88 3.88 -17.46 8.46
CA THR A 88 5.32 -17.48 8.38
C THR A 88 5.88 -16.16 8.91
N ILE A 89 7.12 -16.22 9.38
CA ILE A 89 7.82 -15.01 9.81
C ILE A 89 7.93 -14.02 8.66
N PHE A 90 8.20 -14.52 7.45
CA PHE A 90 8.36 -13.63 6.30
C PHE A 90 7.09 -12.85 6.05
N TYR A 91 5.97 -13.57 5.94
CA TYR A 91 4.68 -12.92 5.69
C TYR A 91 4.37 -11.92 6.79
N ARG A 92 4.51 -12.33 8.05
CA ARG A 92 4.24 -11.42 9.16
C ARG A 92 5.17 -10.20 9.11
N ALA A 93 6.43 -10.41 8.73
CA ALA A 93 7.36 -9.29 8.65
C ALA A 93 6.98 -8.32 7.53
N ALA A 94 6.45 -8.83 6.42
CA ALA A 94 6.02 -7.93 5.36
C ALA A 94 4.82 -7.09 5.78
N VAL A 95 3.90 -7.68 6.54
CA VAL A 95 2.79 -6.91 7.10
C VAL A 95 3.33 -5.81 8.00
N ARG A 96 4.29 -6.14 8.86
CA ARG A 96 4.89 -5.16 9.75
C ARG A 96 5.60 -4.06 8.96
N LEU A 97 6.30 -4.45 7.89
CA LEU A 97 6.99 -3.46 7.08
C LEU A 97 5.98 -2.60 6.34
N ARG A 98 4.89 -3.20 5.87
CA ARG A 98 3.85 -2.42 5.21
C ARG A 98 3.33 -1.33 6.14
N GLU A 99 3.09 -1.66 7.41
CA GLU A 99 2.56 -0.67 8.35
C GLU A 99 3.60 0.37 8.70
N GLN A 100 4.80 -0.08 9.09
CA GLN A 100 5.83 0.83 9.58
C GLN A 100 6.44 1.63 8.43
N GLY A 101 6.66 0.99 7.29
CA GLY A 101 7.19 1.69 6.13
C GLY A 101 6.18 2.64 5.53
N GLY A 102 4.90 2.33 5.67
CA GLY A 102 3.87 3.26 5.22
C GLY A 102 3.92 4.58 5.97
N ALA A 103 4.19 4.54 7.27
CA ALA A 103 4.33 5.76 8.03
C ALA A 103 5.53 6.56 7.56
N VAL A 104 6.64 5.86 7.31
CA VAL A 104 7.84 6.50 6.77
C VAL A 104 7.52 7.22 5.46
N LEU A 105 6.88 6.52 4.53
CA LEU A 105 6.61 7.10 3.22
C LEU A 105 5.63 8.27 3.30
N ARG A 106 4.67 8.22 4.22
CA ARG A 106 3.73 9.31 4.36
C ARG A 106 4.45 10.61 4.65
N GLN A 107 5.33 10.60 5.65
CA GLN A 107 6.00 11.85 5.97
C GLN A 107 7.06 12.21 4.94
N ALA A 108 7.66 11.22 4.28
CA ALA A 108 8.64 11.56 3.25
C ALA A 108 7.97 12.09 1.99
N ARG A 109 6.76 11.63 1.67
CA ARG A 109 6.08 12.17 0.49
C ARG A 109 5.68 13.62 0.69
N ARG A 110 5.36 14.00 1.92
CA ARG A 110 5.06 15.41 2.21
C ARG A 110 6.23 16.30 1.83
N GLN A 111 7.45 15.87 2.17
CA GLN A 111 8.64 16.64 1.84
C GLN A 111 8.89 16.66 0.34
N ALA A 112 8.61 15.54 -0.33
CA ALA A 112 8.76 15.52 -1.78
C ALA A 112 7.76 16.43 -2.46
N GLU A 113 6.60 16.63 -1.84
CA GLU A 113 5.56 17.46 -2.44
C GLU A 113 6.02 18.90 -2.57
N LYS A 114 6.52 19.48 -1.48
CA LYS A 114 7.04 20.85 -1.47
C LYS A 114 8.47 20.87 -1.99
N MET A 115 8.61 20.52 -3.27
CA MET A 115 9.90 20.53 -3.95
C MET A 115 9.74 20.95 -5.41
N GLN B 5 -21.62 23.42 0.24
CA GLN B 5 -20.84 23.91 -0.89
C GLN B 5 -19.66 23.00 -1.18
N LEU B 6 -19.11 23.12 -2.38
CA LEU B 6 -18.14 22.19 -2.90
C LEU B 6 -16.75 22.81 -2.91
N THR B 7 -15.73 21.95 -2.80
CA THR B 7 -14.35 22.34 -3.00
C THR B 7 -13.74 21.43 -4.06
N PRO B 8 -12.76 21.92 -4.81
CA PRO B 8 -12.11 21.06 -5.80
C PRO B 8 -11.51 19.81 -5.17
N PHE B 9 -11.00 19.91 -3.94
CA PHE B 9 -10.43 18.74 -3.28
C PHE B 9 -11.48 17.68 -3.02
N LEU B 10 -12.63 18.07 -2.45
CA LEU B 10 -13.66 17.07 -2.14
C LEU B 10 -14.29 16.50 -3.39
N ILE B 11 -14.40 17.29 -4.45
CA ILE B 11 -14.90 16.76 -5.71
C ILE B 11 -13.94 15.71 -6.25
N LEU B 12 -12.64 15.94 -6.10
CA LEU B 12 -11.65 14.93 -6.49
C LEU B 12 -11.77 13.67 -5.62
N LEU B 13 -11.96 13.83 -4.30
CA LEU B 13 -12.17 12.66 -3.46
C LEU B 13 -13.45 11.92 -3.85
N ARG B 14 -14.51 12.66 -4.21
CA ARG B 14 -15.73 11.98 -4.61
C ARG B 14 -15.51 11.15 -5.86
N LYS B 15 -14.87 11.75 -6.87
CA LYS B 15 -14.54 11.02 -8.09
C LYS B 15 -13.70 9.80 -7.79
N THR B 16 -12.68 9.98 -6.94
CA THR B 16 -11.77 8.88 -6.64
C THR B 16 -12.52 7.73 -5.97
N LEU B 17 -13.31 8.04 -4.94
CA LEU B 17 -14.12 7.02 -4.29
C LEU B 17 -15.00 6.28 -5.29
N GLU B 18 -15.64 7.01 -6.21
CA GLU B 18 -16.43 6.37 -7.26
C GLU B 18 -15.57 5.43 -8.10
N GLN B 19 -14.37 5.89 -8.49
CA GLN B 19 -13.45 5.03 -9.23
C GLN B 19 -13.07 3.79 -8.43
N LEU B 20 -12.83 3.95 -7.12
CA LEU B 20 -12.46 2.79 -6.30
C LEU B 20 -13.62 1.81 -6.21
N GLN B 21 -14.83 2.30 -5.96
CA GLN B 21 -15.97 1.40 -5.88
C GLN B 21 -16.18 0.66 -7.20
N GLU B 22 -15.91 1.32 -8.32
CA GLU B 22 -16.05 0.63 -9.60
C GLU B 22 -15.12 -0.58 -9.71
N LYS B 23 -13.93 -0.51 -9.10
CA LYS B 23 -13.01 -1.64 -9.14
C LYS B 23 -13.54 -2.84 -8.35
N ASP B 24 -14.43 -2.59 -7.41
CA ASP B 24 -15.01 -3.64 -6.56
C ASP B 24 -16.25 -4.20 -7.29
N THR B 25 -15.98 -4.99 -8.33
CA THR B 25 -17.05 -5.40 -9.25
C THR B 25 -18.14 -6.20 -8.53
N GLY B 26 -17.77 -6.97 -7.52
CA GLY B 26 -18.73 -7.75 -6.75
C GLY B 26 -19.39 -7.00 -5.61
N ASN B 27 -19.07 -5.71 -5.44
CA ASN B 27 -19.62 -4.87 -4.38
C ASN B 27 -19.35 -5.45 -2.99
N ILE B 28 -18.30 -6.26 -2.84
CA ILE B 28 -18.10 -6.93 -1.56
C ILE B 28 -17.51 -6.01 -0.50
N PHE B 29 -16.98 -4.86 -0.90
CA PHE B 29 -16.48 -3.85 0.04
C PHE B 29 -17.40 -2.64 0.12
N SER B 30 -18.65 -2.79 -0.34
CA SER B 30 -19.57 -1.68 -0.42
C SER B 30 -20.20 -1.31 0.92
N GLU B 31 -20.20 -2.22 1.89
CA GLU B 31 -20.77 -1.98 3.20
C GLU B 31 -19.91 -2.69 4.24
N PRO B 32 -20.05 -2.33 5.52
CA PRO B 32 -19.31 -3.07 6.57
C PRO B 32 -19.54 -4.57 6.47
N VAL B 33 -18.48 -5.33 6.74
CA VAL B 33 -18.60 -6.78 6.93
C VAL B 33 -19.66 -7.02 7.99
N PRO B 34 -20.68 -7.86 7.74
CA PRO B 34 -21.77 -8.02 8.70
C PRO B 34 -21.34 -8.80 9.92
N LEU B 35 -21.17 -8.10 11.04
CA LEU B 35 -20.51 -8.69 12.21
C LEU B 35 -21.31 -9.87 12.76
N SER B 36 -22.64 -9.76 12.75
CA SER B 36 -23.44 -10.86 13.28
C SER B 36 -23.33 -12.11 12.41
N GLU B 37 -22.94 -11.97 11.15
CA GLU B 37 -22.76 -13.11 10.28
C GLU B 37 -21.32 -13.65 10.31
N VAL B 38 -20.38 -12.86 10.83
CA VAL B 38 -18.98 -13.27 10.93
C VAL B 38 -18.54 -13.04 12.38
N PRO B 39 -18.84 -13.94 13.31
CA PRO B 39 -18.64 -13.64 14.74
C PRO B 39 -17.20 -13.40 15.17
N ASP B 40 -16.22 -13.95 14.46
CA ASP B 40 -14.83 -13.81 14.87
C ASP B 40 -14.12 -12.70 14.11
N TYR B 41 -14.85 -11.89 13.33
CA TYR B 41 -14.21 -10.87 12.50
C TYR B 41 -13.40 -9.89 13.36
N LEU B 42 -14.00 -9.41 14.46
CA LEU B 42 -13.29 -8.43 15.28
C LEU B 42 -12.21 -9.06 16.15
N ASP B 43 -12.16 -10.39 16.23
CA ASP B 43 -11.03 -11.02 16.91
C ASP B 43 -9.72 -10.81 16.16
N HIS B 44 -9.79 -10.45 14.89
CA HIS B 44 -8.63 -10.15 14.07
C HIS B 44 -8.55 -8.68 13.66
N ILE B 45 -9.68 -8.11 13.26
CA ILE B 45 -9.70 -6.78 12.64
C ILE B 45 -10.00 -5.74 13.69
N LYS B 46 -9.07 -4.81 13.85
CA LYS B 46 -9.17 -3.77 14.87
C LYS B 46 -9.99 -2.56 14.40
N LYS B 47 -9.95 -2.22 13.12
CA LYS B 47 -10.67 -1.05 12.60
C LYS B 47 -11.27 -1.38 11.24
N PRO B 48 -12.47 -1.94 11.23
CA PRO B 48 -13.13 -2.27 9.96
C PRO B 48 -13.36 -1.01 9.10
N MET B 49 -13.36 -1.21 7.79
CA MET B 49 -13.58 -0.12 6.85
C MET B 49 -14.33 -0.64 5.63
N ASP B 50 -15.07 0.25 4.97
CA ASP B 50 -15.78 -0.08 3.75
C ASP B 50 -16.09 1.22 3.03
N PHE B 51 -16.56 1.09 1.78
CA PHE B 51 -16.75 2.29 0.96
C PHE B 51 -17.94 3.13 1.41
N PHE B 52 -18.97 2.51 2.01
CA PHE B 52 -20.08 3.34 2.51
C PHE B 52 -19.61 4.19 3.68
N THR B 53 -18.83 3.59 4.59
CA THR B 53 -18.24 4.37 5.67
C THR B 53 -17.35 5.48 5.15
N MET B 54 -16.49 5.17 4.16
CA MET B 54 -15.68 6.21 3.53
C MET B 54 -16.56 7.32 2.95
N LYS B 55 -17.68 6.95 2.33
CA LYS B 55 -18.60 7.97 1.82
C LYS B 55 -19.10 8.85 2.96
N GLN B 56 -19.52 8.24 4.06
CA GLN B 56 -20.02 9.01 5.19
C GLN B 56 -18.93 9.90 5.77
N ASN B 57 -17.70 9.39 5.86
CA ASN B 57 -16.58 10.21 6.33
C ASN B 57 -16.33 11.39 5.40
N LEU B 58 -16.35 11.15 4.09
CA LEU B 58 -16.12 12.22 3.12
C LEU B 58 -17.17 13.32 3.27
N GLU B 59 -18.44 12.92 3.22
CA GLU B 59 -19.55 13.87 3.31
C GLU B 59 -19.70 14.49 4.69
N ALA B 60 -19.01 13.94 5.69
CA ALA B 60 -18.95 14.58 7.01
C ALA B 60 -17.69 15.41 7.20
N TYR B 61 -16.91 15.62 6.13
CA TYR B 61 -15.71 16.46 6.15
C TYR B 61 -14.63 15.90 7.07
N ARG B 62 -14.55 14.58 7.17
CA ARG B 62 -13.54 13.93 7.97
C ARG B 62 -12.25 13.69 7.20
N TYR B 63 -12.27 13.81 5.87
CA TYR B 63 -11.09 13.75 5.03
C TYR B 63 -10.82 15.16 4.51
N LEU B 64 -9.74 15.78 4.97
CA LEU B 64 -9.30 17.01 4.30
C LEU B 64 -7.82 16.99 3.96
N ASN B 65 -7.24 15.79 3.87
CA ASN B 65 -6.00 15.56 3.15
C ASN B 65 -6.10 14.22 2.45
N PHE B 66 -5.33 14.07 1.37
CA PHE B 66 -5.38 12.83 0.60
C PHE B 66 -4.94 11.64 1.44
N ASP B 67 -3.96 11.86 2.32
CA ASP B 67 -3.43 10.74 3.11
C ASP B 67 -4.51 10.07 3.94
N ASP B 68 -5.40 10.84 4.56
CA ASP B 68 -6.40 10.21 5.41
C ASP B 68 -7.38 9.38 4.59
N PHE B 69 -7.73 9.86 3.40
CA PHE B 69 -8.59 9.11 2.48
C PHE B 69 -7.92 7.81 2.05
N GLU B 70 -6.67 7.90 1.60
CA GLU B 70 -5.96 6.69 1.16
C GLU B 70 -5.79 5.70 2.30
N GLU B 71 -5.52 6.22 3.51
CA GLU B 71 -5.39 5.36 4.69
C GLU B 71 -6.59 4.46 4.90
N ASP B 72 -7.80 4.99 4.71
CA ASP B 72 -9.01 4.19 4.92
C ASP B 72 -9.21 3.21 3.78
N PHE B 73 -8.89 3.60 2.55
CA PHE B 73 -8.88 2.63 1.47
C PHE B 73 -7.93 1.47 1.78
N ASN B 74 -6.75 1.77 2.31
CA ASN B 74 -5.80 0.71 2.59
C ASN B 74 -6.30 -0.23 3.67
N LEU B 75 -7.12 0.28 4.61
CA LEU B 75 -7.73 -0.58 5.61
C LEU B 75 -8.71 -1.57 4.98
N ILE B 76 -9.51 -1.14 4.01
CA ILE B 76 -10.41 -2.06 3.31
C ILE B 76 -9.63 -3.27 2.81
N VAL B 77 -8.50 -3.00 2.16
CA VAL B 77 -7.67 -4.04 1.57
C VAL B 77 -6.99 -4.87 2.65
N SER B 78 -6.29 -4.19 3.57
CA SER B 78 -5.44 -4.94 4.50
C SER B 78 -6.28 -5.76 5.47
N ASN B 79 -7.47 -5.25 5.85
CA ASN B 79 -8.35 -6.04 6.70
C ASN B 79 -8.76 -7.33 6.01
N CYS B 80 -9.07 -7.25 4.72
CA CYS B 80 -9.52 -8.43 3.98
C CYS B 80 -8.41 -9.46 3.87
N LEU B 81 -7.19 -9.00 3.55
CA LEU B 81 -6.03 -9.89 3.51
C LEU B 81 -5.74 -10.52 4.87
N LYS B 82 -5.88 -9.74 5.94
CA LYS B 82 -5.58 -10.27 7.28
C LYS B 82 -6.60 -11.34 7.70
N TYR B 83 -7.89 -11.07 7.51
CA TYR B 83 -8.90 -11.98 8.04
C TYR B 83 -9.02 -13.26 7.23
N ASN B 84 -8.82 -13.19 5.92
CA ASN B 84 -9.19 -14.26 5.00
C ASN B 84 -7.99 -15.09 4.59
N ALA B 85 -8.21 -16.40 4.47
CA ALA B 85 -7.17 -17.29 3.96
C ALA B 85 -6.86 -16.97 2.50
N LYS B 86 -5.63 -17.28 2.08
CA LYS B 86 -5.18 -16.87 0.75
C LYS B 86 -6.04 -17.48 -0.36
N ASP B 87 -6.50 -18.72 -0.21
CA ASP B 87 -7.28 -19.35 -1.28
C ASP B 87 -8.78 -19.14 -1.06
N THR B 88 -9.18 -17.87 -0.98
CA THR B 88 -10.57 -17.48 -0.88
C THR B 88 -10.86 -16.39 -1.91
N ILE B 89 -12.13 -16.27 -2.27
CA ILE B 89 -12.56 -15.21 -3.18
C ILE B 89 -12.25 -13.84 -2.59
N PHE B 90 -12.51 -13.65 -1.30
CA PHE B 90 -12.23 -12.36 -0.66
C PHE B 90 -10.76 -11.99 -0.76
N TYR B 91 -9.86 -12.94 -0.44
CA TYR B 91 -8.44 -12.60 -0.45
C TYR B 91 -7.97 -12.26 -1.85
N ARG B 92 -8.36 -13.08 -2.83
CA ARG B 92 -8.01 -12.77 -4.21
C ARG B 92 -8.63 -11.44 -4.65
N ALA B 93 -9.82 -11.12 -4.16
CA ALA B 93 -10.42 -9.84 -4.52
C ALA B 93 -9.67 -8.67 -3.91
N ALA B 94 -9.15 -8.85 -2.70
CA ALA B 94 -8.44 -7.76 -2.05
C ALA B 94 -7.10 -7.49 -2.74
N VAL B 95 -6.41 -8.55 -3.17
CA VAL B 95 -5.18 -8.38 -3.94
C VAL B 95 -5.46 -7.61 -5.21
N ARG B 96 -6.55 -7.95 -5.91
CA ARG B 96 -6.87 -7.25 -7.14
C ARG B 96 -7.27 -5.80 -6.86
N LEU B 97 -7.99 -5.55 -5.77
CA LEU B 97 -8.33 -4.18 -5.40
C LEU B 97 -7.09 -3.39 -5.04
N ARG B 98 -6.14 -4.02 -4.34
CA ARG B 98 -4.91 -3.33 -3.99
C ARG B 98 -4.22 -2.84 -5.24
N GLU B 99 -4.21 -3.67 -6.29
CA GLU B 99 -3.52 -3.31 -7.53
C GLU B 99 -4.30 -2.25 -8.28
N GLN B 100 -5.59 -2.49 -8.51
CA GLN B 100 -6.35 -1.55 -9.30
C GLN B 100 -6.60 -0.26 -8.54
N GLY B 101 -6.96 -0.35 -7.26
CA GLY B 101 -7.16 0.86 -6.48
C GLY B 101 -5.88 1.66 -6.30
N GLY B 102 -4.76 0.96 -6.10
CA GLY B 102 -3.49 1.65 -6.05
C GLY B 102 -3.23 2.50 -7.29
N ALA B 103 -3.55 1.95 -8.47
CA ALA B 103 -3.40 2.74 -9.70
C ALA B 103 -4.36 3.92 -9.71
N VAL B 104 -5.59 3.71 -9.24
CA VAL B 104 -6.55 4.81 -9.11
C VAL B 104 -5.99 5.90 -8.21
N LEU B 105 -5.50 5.50 -7.04
CA LEU B 105 -5.01 6.47 -6.06
C LEU B 105 -3.76 7.19 -6.54
N ARG B 106 -2.89 6.46 -7.24
CA ARG B 106 -1.66 7.05 -7.77
C ARG B 106 -1.99 8.24 -8.68
N GLN B 107 -2.95 8.06 -9.58
CA GLN B 107 -3.29 9.13 -10.51
C GLN B 107 -4.09 10.23 -9.81
N ALA B 108 -4.97 9.87 -8.89
CA ALA B 108 -5.71 10.89 -8.15
C ALA B 108 -4.78 11.76 -7.31
N ARG B 109 -3.78 11.14 -6.67
CA ARG B 109 -2.84 11.91 -5.87
C ARG B 109 -2.04 12.85 -6.76
N ARG B 110 -1.80 12.47 -8.02
CA ARG B 110 -1.13 13.36 -8.94
C ARG B 110 -1.98 14.60 -9.23
N GLN B 111 -3.30 14.43 -9.26
CA GLN B 111 -4.18 15.57 -9.43
C GLN B 111 -4.32 16.38 -8.15
N ALA B 112 -4.28 15.72 -6.99
CA ALA B 112 -4.36 16.45 -5.72
C ALA B 112 -3.13 17.32 -5.51
N GLU B 113 -2.00 16.96 -6.11
CA GLU B 113 -0.79 17.75 -5.99
C GLU B 113 -0.68 18.83 -7.05
N LYS B 114 -1.47 18.74 -8.12
CA LYS B 114 -1.78 19.90 -8.93
C LYS B 114 -2.83 20.79 -8.28
N MET B 115 -3.12 20.58 -7.00
CA MET B 115 -4.08 21.37 -6.25
C MET B 115 -3.37 22.17 -5.17
CAA AXN C . 12.65 -16.90 8.80
CAB AXN C . 12.12 -19.27 9.37
CAC AXN C . 12.22 -17.23 0.63
CAD AXN C . 12.41 -11.85 2.48
CAI AXN C . 15.84 -17.55 6.88
CAJ AXN C . 14.42 -19.33 6.08
CAK AXN C . 16.39 -17.41 5.61
CAL AXN C . 14.97 -19.18 4.81
CAM AXN C . 14.50 -16.23 1.88
CAN AXN C . 14.58 -13.56 2.78
CAO AXN C . 18.87 -13.18 4.24
CAP AXN C . 17.81 -12.56 5.12
CAQ AXN C . 18.06 -13.48 2.99
CAR AXN C . 16.74 -13.63 5.01
CAS AXN C . 14.32 -18.66 8.39
CAU AXN C . 14.86 -18.51 7.11
CAV AXN C . 15.63 -15.72 2.50
CAW AXN C . 15.95 -18.24 4.58
CAX AXN C . 15.68 -14.40 2.94
CAY AXN C . 11.23 -15.03 0.95
CAZ AXN C . 11.27 -13.72 1.41
CBA AXN C . 13.39 -15.38 1.71
CBB AXN C . 13.44 -14.06 2.17
CBC AXN C . 12.84 -18.35 8.38
NAT AXN C . 16.76 -16.43 2.70
NBD AXN C . 16.75 -13.91 3.55
NBE AXN C . 12.29 -15.84 1.13
NBF AXN C . 12.38 -13.26 2.00
OAE AXN C . 10.22 -15.48 0.40
OAF AXN C . 10.30 -12.97 1.27
OAG AXN C . 18.06 -18.61 2.95
OAH AXN C . 15.80 -18.81 1.95
SBG AXN C . 16.64 -18.05 2.98
N NO3 D . 2.31 7.94 0.72
O1 NO3 D . 1.76 6.52 0.63
O2 NO3 D . 1.73 8.90 1.67
O3 NO3 D . 3.34 8.32 -0.10
CAA AXN E . -18.51 -15.02 -1.77
CAB AXN E . -17.41 -16.94 -0.67
CAC AXN E . -16.39 -12.29 5.90
CAD AXN E . -15.37 -8.06 2.25
CAI AXN E . -19.64 -15.34 2.53
CAJ AXN E . -20.67 -13.96 0.84
CAK AXN E . -20.05 -14.46 3.51
CAL AXN E . -21.09 -13.08 1.84
CAM AXN E . -18.51 -11.05 4.53
CAN AXN E . -17.98 -8.95 2.72
CAO AXN E . -21.19 -6.91 1.28
CAP AXN E . -21.65 -8.10 0.47
CAQ AXN E . -21.00 -7.57 2.64
CAR AXN E . -20.70 -9.21 0.92
CAS AXN E . -19.54 -16.04 0.22
CAU AXN E . -19.95 -15.10 1.19
CAV AXN E . -19.54 -10.43 3.83
CAW AXN E . -20.77 -13.33 3.17
CAX AXN E . -19.28 -9.39 2.94
CAY AXN E . -14.90 -10.77 4.74
CAZ AXN E . -14.63 -9.75 3.85
CBA AXN E . -17.19 -10.60 4.30
CBB AXN E . -16.93 -9.57 3.40
CBC AXN E . -18.21 -15.66 -0.43
NAT AXN E . -20.83 -10.73 3.97
NBD AXN E . -20.28 -8.80 2.27
NBE AXN E . -16.16 -11.19 4.95
NBF AXN E . -15.65 -9.17 3.20
OAE AXN E . -13.96 -11.30 5.33
OAF AXN E . -13.47 -9.39 3.66
OAG AXN E . -22.79 -12.25 4.49
OAH AXN E . -20.68 -12.69 5.73
SBG AXN E . -21.28 -12.25 4.41
#